data_1E77
#
_entry.id   1E77
#
_cell.length_a   129.800
_cell.length_b   44.300
_cell.length_c   91.200
_cell.angle_alpha   90.00
_cell.angle_beta   105.10
_cell.angle_gamma   90.00
#
_symmetry.space_group_name_H-M   'C 1 2 1'
#
loop_
_entity.id
_entity.type
_entity.pdbx_description
1 polymer 'GLUCOSE 6-PHOSPHATE 1-DEHYDROGENASE'
2 non-polymer 6-O-phosphono-beta-D-glucopyranose
3 non-polymer 'CALCIUM ION'
4 water water
#
_entity_poly.entity_id   1
_entity_poly.type   'polypeptide(L)'
_entity_poly.pdbx_seq_one_letter_code
;VSEIKTLVTFFGGTGDLAKRKLYPSVFNLYKKGYLQKHFAIVGTARQALNDDEFKQLVRDSIKDFTDDQAQAEAFIEHFS
YRAHDVTDAASYAVLKEAIEEAADKFDIDGNRIFYMSVAPRFFGTIAKYLKSEGLLADTGYNRLMIEKPFGTSYDTAAEL
QNDLENAFDDNQLFRIDHYLGKEMVQNIAALRFGNPIFDAAWNKDYIKNVQVTLSEVLGVEERAGYYDTAGALLDMIQNH
TMQIVGWLAMEKPESFTDKDIRAAKNAAFNALKIYDEAEVNKYFVRAQYGAGDSADFKPYLEELDVPADSKNNTFIAGEL
QFDLPRWEGVPFYVRSGKRLAAKQTRVDIVFKAGTFNFGSEQEACEAVLSIIIDPKGAIELKLNAKSVEDAFNTRTIDLG
WTVSDEDKKNTPEPYERMIHDTMNGDGSNFADWNGVSIAWKFVDAISAVYTADKAPLETYKSGSMGPEASDKLLAANGDA
WVFKG
;
_entity_poly.pdbx_strand_id   A
#
loop_
_chem_comp.id
_chem_comp.type
_chem_comp.name
_chem_comp.formula
BG6 D-saccharide, beta linking 6-O-phosphono-beta-D-glucopyranose 'C6 H13 O9 P'
CA non-polymer 'CALCIUM ION' 'Ca 2'
#
# COMPACT_ATOMS: atom_id res chain seq x y z
N VAL A 1 16.50 12.31 20.89
CA VAL A 1 16.80 12.24 19.43
C VAL A 1 16.69 13.67 18.92
N SER A 2 16.85 13.86 17.61
CA SER A 2 16.72 15.19 17.01
C SER A 2 15.23 15.53 17.00
N GLU A 3 14.86 16.64 17.63
CA GLU A 3 13.47 17.08 17.71
C GLU A 3 12.87 17.41 16.36
N ILE A 4 11.63 16.99 16.15
CA ILE A 4 10.92 17.27 14.91
C ILE A 4 9.98 18.45 15.16
N LYS A 5 10.31 19.59 14.58
CA LYS A 5 9.50 20.80 14.71
C LYS A 5 8.55 20.85 13.51
N THR A 6 7.26 20.66 13.76
CA THR A 6 6.26 20.65 12.71
C THR A 6 4.87 20.98 13.25
N LEU A 7 3.95 21.35 12.36
CA LEU A 7 2.58 21.70 12.71
C LEU A 7 1.72 20.88 11.76
N VAL A 8 0.86 20.02 12.32
CA VAL A 8 0.00 19.17 11.50
C VAL A 8 -1.49 19.52 11.64
N THR A 9 -2.15 19.71 10.49
CA THR A 9 -3.58 20.02 10.45
C THR A 9 -4.35 18.79 9.91
N PHE A 10 -5.27 18.26 10.71
CA PHE A 10 -6.04 17.09 10.30
C PHE A 10 -7.47 17.39 9.82
N PHE A 11 -7.68 17.29 8.52
CA PHE A 11 -9.01 17.50 7.93
C PHE A 11 -9.77 16.19 8.11
N GLY A 12 -10.90 16.26 8.79
CA GLY A 12 -11.67 15.06 9.05
C GLY A 12 -11.17 14.52 10.38
N GLY A 13 -10.76 15.44 11.25
CA GLY A 13 -10.23 15.10 12.56
C GLY A 13 -11.14 14.39 13.54
N THR A 14 -12.38 14.14 13.15
CA THR A 14 -13.35 13.45 14.02
C THR A 14 -13.67 12.05 13.47
N GLY A 15 -13.15 11.75 12.28
CA GLY A 15 -13.40 10.46 11.65
C GLY A 15 -12.76 9.27 12.35
N ASP A 16 -13.20 8.08 11.97
CA ASP A 16 -12.69 6.84 12.54
C ASP A 16 -11.20 6.57 12.29
N LEU A 17 -10.72 6.92 11.11
CA LEU A 17 -9.31 6.73 10.79
C LEU A 17 -8.45 7.59 11.70
N ALA A 18 -8.90 8.81 11.93
CA ALA A 18 -8.15 9.74 12.78
C ALA A 18 -8.02 9.20 14.20
N LYS A 19 -9.13 8.72 14.75
CA LYS A 19 -9.16 8.18 16.10
C LYS A 19 -8.39 6.87 16.22
N ARG A 20 -8.63 5.96 15.28
CA ARG A 20 -8.00 4.64 15.29
C ARG A 20 -6.54 4.52 14.86
N LYS A 21 -6.12 5.35 13.90
CA LYS A 21 -4.75 5.26 13.40
C LYS A 21 -3.89 6.52 13.45
N LEU A 22 -4.45 7.65 13.05
CA LEU A 22 -3.68 8.90 13.00
C LEU A 22 -3.16 9.47 14.32
N TYR A 23 -4.02 9.68 15.31
CA TYR A 23 -3.57 10.23 16.59
C TYR A 23 -2.62 9.30 17.36
N PRO A 24 -2.93 8.00 17.45
CA PRO A 24 -2.03 7.07 18.15
C PRO A 24 -0.62 7.11 17.52
N SER A 25 -0.57 7.14 16.19
CA SER A 25 0.69 7.20 15.46
C SER A 25 1.49 8.44 15.82
N VAL A 26 0.79 9.57 15.95
CA VAL A 26 1.42 10.85 16.31
C VAL A 26 1.89 10.75 17.76
N PHE A 27 1.05 10.15 18.61
CA PHE A 27 1.38 9.99 20.02
C PHE A 27 2.67 9.19 20.20
N ASN A 28 2.87 8.17 19.37
CA ASN A 28 4.08 7.36 19.45
C ASN A 28 5.32 8.18 19.16
N LEU A 29 5.23 9.07 18.18
CA LEU A 29 6.37 9.93 17.83
C LEU A 29 6.71 10.85 19.01
N TYR A 30 5.73 11.09 19.87
CA TYR A 30 5.94 11.92 21.05
C TYR A 30 6.63 11.03 22.08
N LYS A 31 6.11 9.82 22.26
CA LYS A 31 6.66 8.84 23.20
C LYS A 31 8.11 8.51 22.88
N LYS A 32 8.44 8.46 21.58
CA LYS A 32 9.80 8.15 21.13
C LYS A 32 10.74 9.35 21.18
N GLY A 33 10.29 10.44 21.78
CA GLY A 33 11.13 11.63 21.90
C GLY A 33 11.36 12.46 20.65
N TYR A 34 10.60 12.21 19.59
CA TYR A 34 10.75 12.98 18.36
C TYR A 34 10.02 14.31 18.50
N LEU A 35 8.73 14.23 18.84
CA LEU A 35 7.92 15.43 19.04
C LEU A 35 8.15 15.85 20.49
N GLN A 36 8.56 17.10 20.68
CA GLN A 36 8.81 17.61 22.03
C GLN A 36 8.03 18.91 22.31
N LYS A 37 8.70 20.06 22.30
CA LYS A 37 8.04 21.34 22.56
C LYS A 37 7.42 21.97 21.32
N HIS A 38 8.25 22.17 20.31
CA HIS A 38 7.86 22.81 19.07
C HIS A 38 7.01 22.02 18.08
N PHE A 39 5.76 21.76 18.45
CA PHE A 39 4.85 21.02 17.57
C PHE A 39 3.41 21.25 18.02
N ALA A 40 2.49 21.25 17.07
CA ALA A 40 1.07 21.45 17.37
C ALA A 40 0.21 20.64 16.41
N ILE A 41 -0.93 20.18 16.91
CA ILE A 41 -1.87 19.39 16.12
C ILE A 41 -3.23 20.09 16.11
N VAL A 42 -3.63 20.61 14.95
CA VAL A 42 -4.91 21.29 14.81
C VAL A 42 -5.91 20.37 14.11
N GLY A 43 -6.93 19.95 14.84
CA GLY A 43 -7.96 19.10 14.27
C GLY A 43 -9.02 19.97 13.63
N THR A 44 -9.70 19.45 12.62
CA THR A 44 -10.75 20.21 11.94
C THR A 44 -11.71 19.26 11.23
N ALA A 45 -13.00 19.61 11.30
CA ALA A 45 -14.07 18.83 10.69
C ALA A 45 -15.32 19.68 10.65
N ARG A 46 -16.44 19.08 10.24
CA ARG A 46 -17.71 19.81 10.15
C ARG A 46 -18.48 19.93 11.47
N GLN A 47 -18.25 18.99 12.40
CA GLN A 47 -18.93 18.97 13.69
C GLN A 47 -18.43 20.07 14.61
N ALA A 48 -19.29 20.56 15.49
CA ALA A 48 -18.92 21.60 16.44
C ALA A 48 -18.32 20.93 17.67
N LEU A 49 -17.21 21.48 18.16
CA LEU A 49 -16.54 20.91 19.33
C LEU A 49 -15.71 21.96 20.07
N ASN A 50 -15.78 21.91 21.40
CA ASN A 50 -15.02 22.81 22.28
C ASN A 50 -13.59 22.31 22.26
N ASP A 51 -12.62 23.16 22.58
CA ASP A 51 -11.24 22.70 22.63
C ASP A 51 -11.18 21.64 23.73
N ASP A 52 -12.07 21.79 24.71
CA ASP A 52 -12.21 20.86 25.82
C ASP A 52 -12.73 19.50 25.31
N GLU A 53 -13.76 19.57 24.46
CA GLU A 53 -14.40 18.38 23.89
C GLU A 53 -13.49 17.60 22.94
N PHE A 54 -12.70 18.31 22.15
CA PHE A 54 -11.80 17.68 21.19
C PHE A 54 -10.69 16.93 21.91
N LYS A 55 -10.13 17.57 22.95
CA LYS A 55 -9.08 16.97 23.74
C LYS A 55 -9.50 15.61 24.32
N GLN A 56 -10.79 15.47 24.62
CA GLN A 56 -11.30 14.21 25.17
C GLN A 56 -11.39 13.15 24.09
N LEU A 57 -11.62 13.58 22.85
CA LEU A 57 -11.71 12.68 21.72
C LEU A 57 -10.31 12.09 21.54
N VAL A 58 -9.30 12.94 21.61
CA VAL A 58 -7.91 12.52 21.47
C VAL A 58 -7.50 11.67 22.68
N ARG A 59 -7.98 12.07 23.86
CA ARG A 59 -7.70 11.35 25.11
C ARG A 59 -8.21 9.91 25.01
N ASP A 60 -9.28 9.73 24.26
CA ASP A 60 -9.88 8.42 24.03
C ASP A 60 -9.10 7.59 23.02
N SER A 61 -8.71 8.22 21.91
CA SER A 61 -7.95 7.56 20.84
C SER A 61 -6.70 6.87 21.39
N ILE A 62 -5.97 7.57 22.25
CA ILE A 62 -4.75 7.05 22.85
C ILE A 62 -4.91 6.30 24.18
N LYS A 63 -6.13 6.12 24.67
CA LYS A 63 -6.36 5.40 25.93
C LYS A 63 -5.61 4.08 26.00
N ASP A 64 -5.74 3.27 24.94
CA ASP A 64 -5.09 1.97 24.89
C ASP A 64 -3.58 2.05 24.68
N PHE A 65 -3.10 3.23 24.30
CA PHE A 65 -1.68 3.44 24.06
C PHE A 65 -1.03 4.21 25.22
N THR A 66 -1.83 4.54 26.23
CA THR A 66 -1.36 5.29 27.38
C THR A 66 -0.83 4.44 28.54
N ASP A 67 0.36 4.78 28.99
CA ASP A 67 1.00 4.12 30.12
C ASP A 67 0.97 5.10 31.29
N ASP A 68 1.67 6.22 31.14
CA ASP A 68 1.71 7.28 32.16
C ASP A 68 0.75 8.37 31.72
N GLN A 69 -0.33 8.57 32.50
CA GLN A 69 -1.33 9.56 32.18
C GLN A 69 -0.77 10.97 32.04
N ALA A 70 0.22 11.32 32.88
CA ALA A 70 0.83 12.64 32.84
C ALA A 70 1.52 12.88 31.49
N GLN A 71 1.96 11.79 30.85
CA GLN A 71 2.61 11.86 29.55
C GLN A 71 1.56 12.18 28.50
N ALA A 72 0.41 11.53 28.63
CA ALA A 72 -0.70 11.72 27.71
C ALA A 72 -1.23 13.14 27.80
N GLU A 73 -1.44 13.61 29.02
CA GLU A 73 -1.97 14.96 29.24
C GLU A 73 -1.06 16.04 28.66
N ALA A 74 0.25 15.79 28.66
CA ALA A 74 1.23 16.73 28.12
C ALA A 74 1.16 16.78 26.60
N PHE A 75 0.90 15.62 25.99
CA PHE A 75 0.78 15.50 24.55
C PHE A 75 -0.48 16.25 24.10
N ILE A 76 -1.57 15.98 24.81
CA ILE A 76 -2.88 16.58 24.53
C ILE A 76 -2.92 18.11 24.55
N GLU A 77 -2.00 18.74 25.27
CA GLU A 77 -1.95 20.20 25.34
C GLU A 77 -1.54 20.84 24.02
N HIS A 78 -1.14 20.03 23.05
CA HIS A 78 -0.72 20.52 21.75
C HIS A 78 -1.85 20.46 20.72
N PHE A 79 -3.04 20.09 21.17
CA PHE A 79 -4.20 19.95 20.30
C PHE A 79 -5.23 21.08 20.42
N SER A 80 -5.79 21.46 19.27
CA SER A 80 -6.81 22.50 19.17
C SER A 80 -7.79 22.06 18.09
N TYR A 81 -9.01 22.55 18.17
CA TYR A 81 -10.03 22.19 17.20
C TYR A 81 -10.72 23.43 16.65
N ARG A 82 -11.31 23.29 15.48
CA ARG A 82 -12.04 24.35 14.80
C ARG A 82 -13.06 23.70 13.86
N ALA A 83 -14.33 24.04 14.01
CA ALA A 83 -15.37 23.49 13.13
C ALA A 83 -15.14 24.19 11.79
N HIS A 84 -15.40 23.51 10.67
CA HIS A 84 -15.13 24.14 9.39
C HIS A 84 -15.71 23.43 8.16
N ASP A 85 -16.30 24.21 7.26
CA ASP A 85 -16.86 23.71 6.01
C ASP A 85 -15.74 23.90 5.00
N VAL A 86 -15.27 22.81 4.40
CA VAL A 86 -14.17 22.87 3.45
C VAL A 86 -14.50 23.51 2.09
N THR A 87 -15.79 23.74 1.83
CA THR A 87 -16.23 24.34 0.58
C THR A 87 -16.42 25.86 0.70
N ASP A 88 -16.13 26.38 1.88
CA ASP A 88 -16.31 27.79 2.17
C ASP A 88 -14.99 28.55 2.35
N ALA A 89 -14.65 29.36 1.34
CA ALA A 89 -13.45 30.17 1.33
C ALA A 89 -13.33 31.11 2.53
N ALA A 90 -14.45 31.67 2.96
CA ALA A 90 -14.46 32.59 4.10
C ALA A 90 -14.17 31.86 5.40
N SER A 91 -14.56 30.60 5.47
CA SER A 91 -14.37 29.79 6.66
C SER A 91 -12.89 29.42 6.89
N TYR A 92 -12.08 29.50 5.83
CA TYR A 92 -10.66 29.18 5.95
C TYR A 92 -9.92 30.18 6.83
N ALA A 93 -10.46 31.39 6.95
CA ALA A 93 -9.84 32.42 7.78
C ALA A 93 -9.83 32.00 9.26
N VAL A 94 -10.87 31.28 9.67
CA VAL A 94 -10.99 30.78 11.04
C VAL A 94 -9.91 29.72 11.26
N LEU A 95 -9.71 28.87 10.26
CA LEU A 95 -8.71 27.81 10.29
C LEU A 95 -7.30 28.36 10.30
N LYS A 96 -7.05 29.40 9.51
CA LYS A 96 -5.74 30.04 9.44
C LYS A 96 -5.42 30.61 10.82
N GLU A 97 -6.43 31.13 11.49
CA GLU A 97 -6.28 31.70 12.83
C GLU A 97 -5.76 30.63 13.79
N ALA A 98 -6.50 29.52 13.90
CA ALA A 98 -6.12 28.41 14.78
C ALA A 98 -4.70 27.92 14.50
N ILE A 99 -4.33 27.84 13.22
CA ILE A 99 -3.01 27.38 12.81
C ILE A 99 -1.92 28.36 13.26
N GLU A 100 -2.16 29.66 13.08
CA GLU A 100 -1.19 30.68 13.49
C GLU A 100 -1.16 30.88 14.99
N GLU A 101 -2.29 30.60 15.63
CA GLU A 101 -2.38 30.73 17.08
C GLU A 101 -1.44 29.67 17.63
N ALA A 102 -1.52 28.47 17.05
CA ALA A 102 -0.70 27.31 17.44
C ALA A 102 0.77 27.56 17.16
N ALA A 103 1.08 28.11 15.98
CA ALA A 103 2.45 28.40 15.60
C ALA A 103 3.13 29.33 16.62
N ASP A 104 2.38 30.30 17.15
CA ASP A 104 2.89 31.23 18.14
C ASP A 104 3.07 30.57 19.50
N LYS A 105 2.01 29.93 19.98
CA LYS A 105 1.99 29.25 21.26
C LYS A 105 3.13 28.28 21.49
N PHE A 106 3.47 27.50 20.46
CA PHE A 106 4.54 26.51 20.56
C PHE A 106 5.83 26.89 19.85
N ASP A 107 5.83 28.09 19.26
CA ASP A 107 7.01 28.62 18.58
C ASP A 107 7.48 27.72 17.41
N ILE A 108 6.64 27.57 16.41
CA ILE A 108 6.96 26.74 15.25
C ILE A 108 7.15 27.62 14.02
N ASP A 109 8.31 27.52 13.41
CA ASP A 109 8.62 28.33 12.23
C ASP A 109 8.23 27.59 10.95
N GLY A 110 6.97 27.76 10.55
CA GLY A 110 6.46 27.11 9.36
C GLY A 110 6.30 25.61 9.53
N ASN A 111 6.88 24.83 8.62
CA ASN A 111 6.84 23.37 8.66
C ASN A 111 5.43 22.83 8.89
N ARG A 112 4.55 23.09 7.93
CA ARG A 112 3.18 22.63 8.04
C ARG A 112 2.84 21.44 7.16
N ILE A 113 2.12 20.48 7.75
CA ILE A 113 1.68 19.28 7.05
C ILE A 113 0.15 19.32 7.11
N PHE A 114 -0.49 19.14 5.96
CA PHE A 114 -1.94 19.16 5.87
C PHE A 114 -2.42 17.76 5.52
N TYR A 115 -3.07 17.09 6.46
CA TYR A 115 -3.57 15.74 6.23
C TYR A 115 -5.04 15.78 5.87
N MET A 116 -5.42 15.10 4.79
CA MET A 116 -6.81 15.08 4.35
C MET A 116 -7.49 13.70 4.48
N SER A 117 -8.15 13.49 5.61
CA SER A 117 -8.87 12.24 5.87
C SER A 117 -10.34 12.55 5.61
N VAL A 118 -10.61 13.03 4.41
CA VAL A 118 -11.96 13.40 4.01
C VAL A 118 -12.33 12.65 2.73
N ALA A 119 -13.60 12.69 2.35
CA ALA A 119 -14.07 12.02 1.13
C ALA A 119 -13.28 12.59 -0.05
N PRO A 120 -12.89 11.72 -1.00
CA PRO A 120 -12.11 12.07 -2.20
C PRO A 120 -12.54 13.27 -3.03
N ARG A 121 -13.80 13.67 -2.94
CA ARG A 121 -14.30 14.82 -3.71
C ARG A 121 -13.88 16.17 -3.13
N PHE A 122 -13.44 16.20 -1.87
CA PHE A 122 -13.01 17.42 -1.21
C PHE A 122 -11.52 17.69 -1.38
N PHE A 123 -10.79 16.74 -1.94
CA PHE A 123 -9.34 16.87 -2.12
C PHE A 123 -8.91 18.12 -2.90
N GLY A 124 -9.47 18.31 -4.08
CA GLY A 124 -9.11 19.45 -4.90
C GLY A 124 -9.47 20.79 -4.29
N THR A 125 -10.69 20.87 -3.77
CA THR A 125 -11.18 22.08 -3.14
C THR A 125 -10.26 22.52 -2.02
N ILE A 126 -10.04 21.64 -1.05
CA ILE A 126 -9.18 21.92 0.09
C ILE A 126 -7.82 22.48 -0.35
N ALA A 127 -7.14 21.74 -1.22
CA ALA A 127 -5.83 22.15 -1.72
C ALA A 127 -5.83 23.57 -2.28
N LYS A 128 -6.88 23.90 -3.02
CA LYS A 128 -7.02 25.23 -3.63
C LYS A 128 -7.05 26.34 -2.59
N TYR A 129 -7.90 26.19 -1.58
CA TYR A 129 -8.06 27.20 -0.53
C TYR A 129 -6.90 27.32 0.46
N LEU A 130 -6.03 26.31 0.52
CA LEU A 130 -4.88 26.38 1.42
C LEU A 130 -3.92 27.42 0.87
N LYS A 131 -3.91 27.54 -0.46
CA LYS A 131 -3.04 28.51 -1.13
C LYS A 131 -3.71 29.88 -1.21
N SER A 132 -4.90 29.95 -1.81
CA SER A 132 -5.59 31.21 -1.97
C SER A 132 -6.00 31.92 -0.68
N GLU A 133 -6.38 31.15 0.34
CA GLU A 133 -6.77 31.76 1.62
C GLU A 133 -5.60 31.94 2.58
N GLY A 134 -4.37 31.84 2.05
CA GLY A 134 -3.17 32.03 2.84
C GLY A 134 -2.79 31.11 3.99
N LEU A 135 -3.07 29.81 3.89
CA LEU A 135 -2.72 28.89 4.97
C LEU A 135 -1.31 28.28 4.86
N LEU A 136 -0.71 28.36 3.68
CA LEU A 136 0.63 27.82 3.47
C LEU A 136 1.65 28.66 4.20
N ALA A 137 2.59 28.00 4.88
CA ALA A 137 3.63 28.70 5.62
C ALA A 137 4.52 29.49 4.66
N ASP A 138 4.98 30.65 5.11
CA ASP A 138 5.87 31.50 4.32
C ASP A 138 7.33 31.07 4.51
N THR A 139 7.55 30.24 5.54
CA THR A 139 8.86 29.71 5.88
C THR A 139 8.75 28.19 6.08
N GLY A 140 9.88 27.51 6.20
CA GLY A 140 9.86 26.07 6.39
C GLY A 140 9.24 25.37 5.20
N TYR A 141 8.62 24.22 5.44
CA TYR A 141 7.99 23.45 4.35
C TYR A 141 6.46 23.43 4.43
N ASN A 142 5.85 22.96 3.35
CA ASN A 142 4.40 22.83 3.27
C ASN A 142 4.17 21.54 2.52
N ARG A 143 3.58 20.58 3.20
CA ARG A 143 3.32 19.27 2.60
C ARG A 143 1.89 18.85 2.77
N LEU A 144 1.37 18.17 1.75
CA LEU A 144 -0.01 17.70 1.73
C LEU A 144 -0.06 16.18 1.67
N MET A 145 -0.80 15.56 2.57
CA MET A 145 -0.93 14.11 2.61
C MET A 145 -2.32 13.72 2.09
N ILE A 146 -2.36 13.17 0.87
CA ILE A 146 -3.60 12.76 0.23
C ILE A 146 -3.98 11.31 0.57
N GLU A 147 -5.16 11.12 1.16
CA GLU A 147 -5.62 9.78 1.51
C GLU A 147 -6.03 8.98 0.29
N LYS A 148 -6.26 7.68 0.50
CA LYS A 148 -6.69 6.76 -0.54
C LYS A 148 -8.19 6.99 -0.75
N PRO A 149 -8.68 6.97 -2.02
CA PRO A 149 -7.97 6.72 -3.28
C PRO A 149 -7.62 7.98 -4.06
N PHE A 150 -6.57 7.88 -4.87
CA PHE A 150 -6.12 8.98 -5.72
C PHE A 150 -6.76 8.69 -7.08
N GLY A 151 -8.04 9.02 -7.20
CA GLY A 151 -8.76 8.78 -8.45
C GLY A 151 -9.39 7.42 -8.48
N THR A 152 -10.26 7.20 -9.48
CA THR A 152 -10.94 5.94 -9.69
C THR A 152 -10.75 5.49 -11.14
N SER A 153 -9.96 6.26 -11.87
CA SER A 153 -9.66 5.99 -13.27
C SER A 153 -8.52 6.93 -13.61
N TYR A 154 -7.84 6.70 -14.73
CA TYR A 154 -6.73 7.57 -15.10
C TYR A 154 -7.21 9.00 -15.25
N ASP A 155 -8.35 9.17 -15.92
CA ASP A 155 -8.93 10.49 -16.13
C ASP A 155 -9.12 11.26 -14.82
N THR A 156 -9.79 10.64 -13.86
CA THR A 156 -10.06 11.28 -12.57
C THR A 156 -8.78 11.50 -11.76
N ALA A 157 -7.81 10.61 -11.96
CA ALA A 157 -6.53 10.73 -11.27
C ALA A 157 -5.85 11.98 -11.80
N ALA A 158 -5.79 12.10 -13.13
CA ALA A 158 -5.17 13.24 -13.79
C ALA A 158 -5.80 14.57 -13.36
N GLU A 159 -7.12 14.59 -13.22
CA GLU A 159 -7.83 15.79 -12.80
C GLU A 159 -7.33 16.18 -11.41
N LEU A 160 -7.36 15.21 -10.49
CA LEU A 160 -6.90 15.44 -9.12
C LEU A 160 -5.49 15.99 -9.14
N GLN A 161 -4.62 15.37 -9.92
CA GLN A 161 -3.24 15.80 -10.05
C GLN A 161 -3.16 17.25 -10.48
N ASN A 162 -3.98 17.62 -11.46
CA ASN A 162 -4.02 18.99 -11.96
C ASN A 162 -4.44 19.97 -10.86
N ASP A 163 -5.54 19.67 -10.17
CA ASP A 163 -6.03 20.52 -9.07
C ASP A 163 -4.95 20.71 -8.01
N LEU A 164 -4.33 19.61 -7.59
CA LEU A 164 -3.28 19.65 -6.57
C LEU A 164 -2.06 20.41 -7.05
N GLU A 165 -1.73 20.25 -8.33
CA GLU A 165 -0.58 20.90 -8.95
C GLU A 165 -0.73 22.44 -8.95
N ASN A 166 -1.96 22.90 -8.78
CA ASN A 166 -2.27 24.33 -8.74
C ASN A 166 -1.80 25.00 -7.45
N ALA A 167 -1.65 24.21 -6.39
CA ALA A 167 -1.23 24.73 -5.09
C ALA A 167 0.07 24.14 -4.54
N PHE A 168 0.48 22.98 -5.04
CA PHE A 168 1.70 22.34 -4.57
C PHE A 168 2.54 21.80 -5.72
N ASP A 169 3.79 21.43 -5.40
CA ASP A 169 4.71 20.85 -6.36
C ASP A 169 4.59 19.35 -6.10
N ASP A 170 4.89 18.52 -7.09
CA ASP A 170 4.75 17.07 -6.93
C ASP A 170 5.51 16.48 -5.73
N ASN A 171 6.68 17.03 -5.43
CA ASN A 171 7.48 16.53 -4.32
C ASN A 171 6.93 16.89 -2.93
N GLN A 172 5.86 17.67 -2.89
CA GLN A 172 5.24 18.06 -1.62
C GLN A 172 3.99 17.21 -1.42
N LEU A 173 3.60 16.49 -2.46
CA LEU A 173 2.41 15.65 -2.43
C LEU A 173 2.70 14.21 -1.99
N PHE A 174 2.27 13.87 -0.79
CA PHE A 174 2.48 12.54 -0.25
C PHE A 174 1.20 11.68 -0.32
N ARG A 175 1.15 10.82 -1.32
CA ARG A 175 0.00 9.93 -1.53
C ARG A 175 0.11 8.74 -0.59
N ILE A 176 -0.94 8.52 0.20
CA ILE A 176 -0.96 7.42 1.16
C ILE A 176 -1.20 6.04 0.57
N ASP A 177 -0.40 5.09 1.03
CA ASP A 177 -0.51 3.70 0.64
C ASP A 177 0.12 2.94 1.80
N HIS A 178 -0.71 2.55 2.77
CA HIS A 178 -0.20 1.85 3.96
C HIS A 178 0.66 0.59 3.71
N TYR A 179 0.47 -0.06 2.57
CA TYR A 179 1.24 -1.26 2.25
C TYR A 179 2.71 -0.90 2.01
N LEU A 180 2.93 0.25 1.38
CA LEU A 180 4.28 0.74 1.09
C LEU A 180 4.95 1.17 2.40
N GLY A 181 4.15 1.37 3.44
CA GLY A 181 4.66 1.77 4.72
C GLY A 181 4.89 0.60 5.66
N LYS A 182 4.88 -0.61 5.11
CA LYS A 182 5.10 -1.81 5.90
C LYS A 182 6.59 -2.17 5.97
N GLU A 183 7.08 -2.36 7.19
CA GLU A 183 8.48 -2.69 7.46
C GLU A 183 9.11 -3.75 6.54
N MET A 184 8.44 -4.89 6.39
CA MET A 184 8.91 -5.99 5.54
C MET A 184 9.06 -5.61 4.07
N VAL A 185 8.14 -4.81 3.56
CA VAL A 185 8.19 -4.36 2.17
C VAL A 185 9.48 -3.58 1.94
N GLN A 186 9.86 -2.77 2.93
CA GLN A 186 11.07 -1.96 2.86
C GLN A 186 12.35 -2.81 2.94
N ASN A 187 12.20 -4.11 3.16
CA ASN A 187 13.34 -5.03 3.23
C ASN A 187 13.75 -5.49 1.83
N ILE A 188 12.82 -5.43 0.89
CA ILE A 188 13.08 -5.84 -0.49
C ILE A 188 14.35 -5.24 -1.06
N ALA A 189 14.54 -3.94 -0.92
CA ALA A 189 15.74 -3.27 -1.44
C ALA A 189 17.02 -3.72 -0.72
N ALA A 190 16.93 -3.95 0.58
CA ALA A 190 18.07 -4.37 1.39
C ALA A 190 18.54 -5.79 1.01
N LEU A 191 17.59 -6.68 0.77
CA LEU A 191 17.87 -8.07 0.41
C LEU A 191 18.53 -8.13 -0.97
N ARG A 192 18.00 -7.35 -1.91
CA ARG A 192 18.51 -7.31 -3.26
C ARG A 192 19.87 -6.62 -3.35
N PHE A 193 19.87 -5.29 -3.16
CA PHE A 193 21.08 -4.48 -3.24
C PHE A 193 22.12 -4.77 -2.17
N GLY A 194 21.66 -5.17 -0.99
CA GLY A 194 22.57 -5.44 0.11
C GLY A 194 23.37 -6.73 -0.02
N ASN A 195 22.93 -7.65 -0.90
CA ASN A 195 23.62 -8.92 -1.09
C ASN A 195 23.93 -9.16 -2.56
N PRO A 196 25.19 -8.99 -2.96
CA PRO A 196 25.60 -9.20 -4.35
C PRO A 196 25.09 -10.49 -5.03
N ILE A 197 25.01 -11.59 -4.30
CA ILE A 197 24.53 -12.85 -4.89
C ILE A 197 23.10 -12.78 -5.40
N PHE A 198 22.34 -11.83 -4.86
CA PHE A 198 20.96 -11.63 -5.27
C PHE A 198 20.88 -10.45 -6.23
N ASP A 199 21.69 -9.43 -5.97
CA ASP A 199 21.72 -8.23 -6.80
C ASP A 199 22.05 -8.61 -8.26
N ALA A 200 23.13 -9.36 -8.44
CA ALA A 200 23.56 -9.79 -9.76
C ALA A 200 22.65 -10.86 -10.37
N ALA A 201 21.68 -11.33 -9.60
CA ALA A 201 20.76 -12.37 -10.07
C ALA A 201 19.32 -11.87 -10.29
N TRP A 202 19.07 -10.60 -9.97
CA TRP A 202 17.75 -9.99 -10.12
C TRP A 202 17.48 -9.59 -11.58
N ASN A 203 17.47 -10.59 -12.46
CA ASN A 203 17.25 -10.40 -13.90
C ASN A 203 16.77 -11.68 -14.60
N LYS A 204 16.46 -11.56 -15.88
CA LYS A 204 15.98 -12.68 -16.70
C LYS A 204 16.89 -13.90 -16.80
N ASP A 205 18.19 -13.72 -16.69
CA ASP A 205 19.12 -14.86 -16.79
C ASP A 205 19.07 -15.76 -15.56
N TYR A 206 18.40 -15.31 -14.51
CA TYR A 206 18.32 -16.08 -13.27
C TYR A 206 16.92 -16.38 -12.78
N ILE A 207 16.01 -15.44 -12.99
CA ILE A 207 14.64 -15.61 -12.53
C ILE A 207 13.74 -16.23 -13.58
N LYS A 208 12.86 -17.13 -13.13
CA LYS A 208 11.89 -17.81 -14.00
C LYS A 208 10.58 -17.02 -13.99
N ASN A 209 10.15 -16.61 -12.80
CA ASN A 209 8.91 -15.85 -12.62
C ASN A 209 8.91 -15.21 -11.24
N VAL A 210 8.08 -14.20 -11.04
CA VAL A 210 7.96 -13.51 -9.74
C VAL A 210 6.49 -13.52 -9.34
N GLN A 211 6.21 -13.76 -8.06
CA GLN A 211 4.82 -13.81 -7.59
C GLN A 211 4.54 -12.83 -6.46
N VAL A 212 3.42 -12.11 -6.56
CA VAL A 212 3.00 -11.16 -5.51
C VAL A 212 1.64 -11.66 -5.05
N THR A 213 1.47 -11.84 -3.74
CA THR A 213 0.22 -12.36 -3.19
C THR A 213 -0.35 -11.57 -2.01
N LEU A 214 -1.53 -10.99 -2.18
CA LEU A 214 -2.23 -10.26 -1.11
C LEU A 214 -3.53 -11.02 -0.84
N SER A 215 -3.39 -12.12 -0.11
CA SER A 215 -4.50 -13.01 0.23
C SER A 215 -5.23 -12.55 1.49
N GLU A 216 -6.55 -12.61 1.46
CA GLU A 216 -7.39 -12.20 2.59
C GLU A 216 -8.35 -13.34 2.87
N VAL A 217 -8.63 -13.57 4.14
CA VAL A 217 -9.54 -14.64 4.53
C VAL A 217 -10.94 -14.07 4.81
N LEU A 218 -11.02 -12.74 4.92
CA LEU A 218 -12.29 -12.07 5.19
C LEU A 218 -13.09 -11.84 3.92
N GLY A 219 -14.40 -11.70 4.06
CA GLY A 219 -15.28 -11.44 2.94
C GLY A 219 -15.52 -9.94 2.87
N VAL A 220 -16.60 -9.50 2.23
CA VAL A 220 -16.89 -8.06 2.13
C VAL A 220 -17.23 -7.49 3.49
N GLU A 221 -17.78 -8.34 4.35
CA GLU A 221 -18.19 -7.95 5.70
C GLU A 221 -19.19 -6.80 5.73
N GLU A 222 -18.71 -5.55 5.84
CA GLU A 222 -19.62 -4.41 5.90
C GLU A 222 -19.49 -3.32 4.83
N ARG A 223 -18.30 -3.20 4.23
CA ARG A 223 -18.07 -2.18 3.20
C ARG A 223 -18.52 -2.55 1.78
N ALA A 224 -19.57 -3.37 1.70
CA ALA A 224 -20.12 -3.84 0.43
C ALA A 224 -20.64 -2.75 -0.52
N GLY A 225 -21.23 -1.68 0.04
CA GLY A 225 -21.73 -0.60 -0.79
C GLY A 225 -20.65 -0.02 -1.69
N TYR A 226 -19.56 0.42 -1.09
CA TYR A 226 -18.45 0.99 -1.85
C TYR A 226 -17.70 -0.09 -2.63
N TYR A 227 -17.50 -1.25 -2.01
CA TYR A 227 -16.77 -2.35 -2.64
C TYR A 227 -17.35 -2.87 -3.95
N ASP A 228 -18.67 -3.06 -4.00
CA ASP A 228 -19.31 -3.58 -5.20
C ASP A 228 -18.96 -2.83 -6.50
N THR A 229 -18.57 -1.57 -6.35
CA THR A 229 -18.23 -0.78 -7.51
C THR A 229 -16.72 -0.74 -7.77
N ALA A 230 -15.94 -1.07 -6.74
CA ALA A 230 -14.48 -1.07 -6.85
C ALA A 230 -13.90 -2.44 -7.20
N GLY A 231 -14.31 -3.46 -6.45
CA GLY A 231 -13.82 -4.82 -6.69
C GLY A 231 -12.37 -4.93 -6.24
N ALA A 232 -11.80 -6.13 -6.34
CA ALA A 232 -10.41 -6.37 -5.95
C ALA A 232 -9.45 -5.60 -6.84
N LEU A 233 -9.84 -5.42 -8.10
CA LEU A 233 -9.03 -4.73 -9.08
C LEU A 233 -8.59 -3.32 -8.66
N LEU A 234 -9.53 -2.49 -8.20
CA LEU A 234 -9.19 -1.13 -7.78
C LEU A 234 -8.90 -1.04 -6.29
N ASP A 235 -9.39 -2.01 -5.52
CA ASP A 235 -9.22 -2.02 -4.07
C ASP A 235 -7.85 -2.51 -3.60
N MET A 236 -7.29 -3.51 -4.27
CA MET A 236 -6.01 -4.08 -3.88
C MET A 236 -4.95 -4.12 -4.97
N ILE A 237 -5.39 -4.40 -6.21
CA ILE A 237 -4.46 -4.51 -7.32
C ILE A 237 -3.85 -3.18 -7.77
N GLN A 238 -4.70 -2.26 -8.22
CA GLN A 238 -4.25 -0.96 -8.71
C GLN A 238 -3.27 -0.24 -7.77
N ASN A 239 -3.60 -0.20 -6.49
CA ASN A 239 -2.80 0.51 -5.51
C ASN A 239 -1.66 -0.25 -4.83
N HIS A 240 -2.01 -1.15 -3.91
CA HIS A 240 -1.05 -1.91 -3.14
C HIS A 240 -0.18 -2.86 -3.94
N THR A 241 -0.80 -3.72 -4.74
CA THR A 241 -0.08 -4.69 -5.54
C THR A 241 0.90 -4.05 -6.52
N MET A 242 0.45 -3.10 -7.34
CA MET A 242 1.33 -2.45 -8.30
C MET A 242 2.54 -1.77 -7.66
N GLN A 243 2.34 -1.15 -6.50
CA GLN A 243 3.44 -0.48 -5.82
C GLN A 243 4.50 -1.46 -5.26
N ILE A 244 4.07 -2.65 -4.87
CA ILE A 244 4.99 -3.66 -4.38
C ILE A 244 5.77 -4.17 -5.60
N VAL A 245 5.07 -4.31 -6.71
CA VAL A 245 5.67 -4.75 -7.98
C VAL A 245 6.73 -3.73 -8.38
N GLY A 246 6.50 -2.46 -8.04
CA GLY A 246 7.44 -1.40 -8.38
C GLY A 246 8.79 -1.54 -7.70
N TRP A 247 8.77 -1.96 -6.44
CA TRP A 247 10.00 -2.17 -5.68
C TRP A 247 10.77 -3.37 -6.24
N LEU A 248 10.02 -4.34 -6.79
CA LEU A 248 10.60 -5.55 -7.34
C LEU A 248 11.12 -5.40 -8.76
N ALA A 249 10.37 -4.67 -9.58
CA ALA A 249 10.73 -4.48 -11.00
C ALA A 249 11.72 -3.37 -11.28
N MET A 250 11.84 -2.42 -10.35
CA MET A 250 12.74 -1.29 -10.50
C MET A 250 14.17 -1.66 -10.94
N GLU A 251 14.85 -0.71 -11.55
CA GLU A 251 16.23 -0.91 -12.00
C GLU A 251 17.10 -0.61 -10.78
N LYS A 252 18.41 -0.79 -10.93
CA LYS A 252 19.33 -0.50 -9.85
C LYS A 252 19.49 1.04 -9.87
N PRO A 253 19.19 1.70 -8.74
CA PRO A 253 19.29 3.16 -8.62
C PRO A 253 20.74 3.64 -8.63
N GLU A 254 20.91 4.94 -8.81
CA GLU A 254 22.24 5.54 -8.83
C GLU A 254 22.63 5.94 -7.41
N SER A 255 21.66 5.89 -6.50
CA SER A 255 21.89 6.21 -5.11
C SER A 255 20.61 5.80 -4.40
N PHE A 256 20.59 5.85 -3.08
CA PHE A 256 19.39 5.47 -2.38
C PHE A 256 18.53 6.67 -1.98
N THR A 257 18.68 7.77 -2.72
CA THR A 257 17.88 8.93 -2.44
C THR A 257 16.55 8.65 -3.12
N ASP A 258 15.46 9.18 -2.56
CA ASP A 258 14.13 8.96 -3.14
C ASP A 258 14.02 9.36 -4.61
N LYS A 259 14.84 10.32 -5.03
CA LYS A 259 14.82 10.80 -6.41
C LYS A 259 15.25 9.69 -7.36
N ASP A 260 16.38 9.06 -7.06
CA ASP A 260 16.91 7.98 -7.88
C ASP A 260 16.06 6.71 -7.75
N ILE A 261 15.56 6.45 -6.55
CA ILE A 261 14.69 5.29 -6.31
C ILE A 261 13.52 5.32 -7.29
N ARG A 262 12.85 6.46 -7.35
CA ARG A 262 11.69 6.65 -8.23
C ARG A 262 12.06 6.61 -9.70
N ALA A 263 13.25 7.13 -10.04
CA ALA A 263 13.70 7.10 -11.42
C ALA A 263 13.81 5.63 -11.83
N ALA A 264 14.36 4.82 -10.92
CA ALA A 264 14.55 3.40 -11.16
C ALA A 264 13.22 2.66 -11.29
N LYS A 265 12.25 3.01 -10.44
CA LYS A 265 10.93 2.37 -10.49
C LYS A 265 10.20 2.78 -11.76
N ASN A 266 10.21 4.09 -12.05
CA ASN A 266 9.53 4.62 -13.23
C ASN A 266 10.07 4.02 -14.50
N ALA A 267 11.35 3.69 -14.53
CA ALA A 267 11.96 3.07 -15.71
C ALA A 267 11.23 1.76 -16.04
N ALA A 268 10.83 1.03 -15.00
CA ALA A 268 10.12 -0.22 -15.15
C ALA A 268 8.65 0.03 -15.51
N PHE A 269 8.02 0.96 -14.81
CA PHE A 269 6.63 1.31 -15.07
C PHE A 269 6.44 1.73 -16.53
N ASN A 270 7.37 2.51 -17.05
CA ASN A 270 7.31 2.99 -18.43
C ASN A 270 7.45 1.86 -19.44
N ALA A 271 7.84 0.69 -18.97
CA ALA A 271 8.01 -0.48 -19.84
C ALA A 271 6.85 -1.47 -19.68
N LEU A 272 6.02 -1.25 -18.67
CA LEU A 272 4.87 -2.13 -18.44
C LEU A 272 3.94 -2.07 -19.65
N LYS A 273 3.52 -3.24 -20.13
CA LYS A 273 2.63 -3.29 -21.29
C LYS A 273 1.17 -3.16 -20.89
N ILE A 274 0.41 -2.44 -21.72
CA ILE A 274 -1.03 -2.24 -21.49
C ILE A 274 -1.76 -3.20 -22.44
N TYR A 275 -2.72 -3.94 -21.90
CA TYR A 275 -3.46 -4.94 -22.66
C TYR A 275 -4.72 -4.47 -23.36
N ASP A 276 -5.14 -5.22 -24.36
CA ASP A 276 -6.37 -4.94 -25.10
C ASP A 276 -7.35 -6.06 -24.71
N GLU A 277 -8.56 -6.03 -25.25
CA GLU A 277 -9.57 -7.05 -24.92
C GLU A 277 -9.06 -8.50 -24.95
N ALA A 278 -8.38 -8.87 -26.03
CA ALA A 278 -7.87 -10.23 -26.18
C ALA A 278 -6.83 -10.62 -25.12
N GLU A 279 -5.84 -9.75 -24.92
CA GLU A 279 -4.80 -10.00 -23.94
C GLU A 279 -5.32 -10.11 -22.51
N VAL A 280 -6.34 -9.32 -22.19
CA VAL A 280 -6.92 -9.35 -20.85
C VAL A 280 -7.46 -10.75 -20.57
N ASN A 281 -8.17 -11.31 -21.55
CA ASN A 281 -8.77 -12.65 -21.45
C ASN A 281 -7.73 -13.75 -21.28
N LYS A 282 -6.57 -13.55 -21.92
CA LYS A 282 -5.49 -14.51 -21.87
C LYS A 282 -4.61 -14.37 -20.62
N TYR A 283 -4.24 -13.14 -20.29
CA TYR A 283 -3.36 -12.88 -19.15
C TYR A 283 -3.98 -12.62 -17.79
N PHE A 284 -5.25 -12.22 -17.74
CA PHE A 284 -5.92 -11.94 -16.48
C PHE A 284 -7.14 -12.80 -16.22
N VAL A 285 -7.45 -12.97 -14.93
CA VAL A 285 -8.58 -13.78 -14.48
C VAL A 285 -9.28 -13.03 -13.36
N ARG A 286 -10.61 -12.92 -13.45
CA ARG A 286 -11.41 -12.26 -12.43
C ARG A 286 -12.41 -13.29 -11.92
N ALA A 287 -12.78 -13.18 -10.64
CA ALA A 287 -13.72 -14.13 -10.05
C ALA A 287 -14.37 -13.58 -8.78
N GLN A 288 -15.45 -14.23 -8.36
CA GLN A 288 -16.15 -13.84 -7.14
C GLN A 288 -16.58 -15.09 -6.36
N TYR A 289 -16.42 -15.03 -5.05
CA TYR A 289 -16.73 -16.17 -4.19
C TYR A 289 -18.16 -16.64 -4.01
N GLY A 290 -18.30 -17.96 -4.01
CA GLY A 290 -19.59 -18.60 -3.80
C GLY A 290 -19.53 -19.15 -2.39
N ALA A 291 -20.43 -20.07 -2.05
CA ALA A 291 -20.42 -20.64 -0.71
C ALA A 291 -19.25 -21.62 -0.60
N GLY A 292 -18.71 -21.77 0.60
CA GLY A 292 -17.61 -22.71 0.80
C GLY A 292 -18.23 -24.05 1.17
N ASP A 293 -17.57 -24.78 2.06
CA ASP A 293 -18.11 -26.06 2.51
C ASP A 293 -18.95 -25.82 3.76
N SER A 294 -18.83 -24.60 4.29
CA SER A 294 -19.57 -24.17 5.46
C SER A 294 -20.73 -23.28 5.02
N ALA A 295 -21.91 -23.50 5.61
CA ALA A 295 -23.09 -22.71 5.29
C ALA A 295 -22.88 -21.27 5.77
N ASP A 296 -22.08 -21.12 6.82
CA ASP A 296 -21.75 -19.82 7.41
C ASP A 296 -21.02 -18.92 6.40
N PHE A 297 -20.25 -19.55 5.51
CA PHE A 297 -19.52 -18.81 4.49
C PHE A 297 -20.43 -18.65 3.27
N LYS A 298 -21.32 -17.67 3.34
CA LYS A 298 -22.27 -17.39 2.27
C LYS A 298 -21.60 -16.73 1.06
N PRO A 299 -22.20 -16.90 -0.14
CA PRO A 299 -21.68 -16.32 -1.38
C PRO A 299 -21.71 -14.79 -1.38
N TYR A 300 -20.95 -14.20 -2.30
CA TYR A 300 -20.89 -12.76 -2.45
C TYR A 300 -22.27 -12.14 -2.66
N LEU A 301 -23.05 -12.76 -3.54
CA LEU A 301 -24.39 -12.27 -3.87
C LEU A 301 -25.40 -12.30 -2.73
N GLU A 302 -25.02 -12.86 -1.59
CA GLU A 302 -25.90 -12.93 -0.43
C GLU A 302 -25.41 -11.97 0.67
N GLU A 303 -24.38 -11.18 0.37
CA GLU A 303 -23.86 -10.23 1.36
C GLU A 303 -24.77 -9.00 1.39
N LEU A 304 -24.81 -8.34 2.54
CA LEU A 304 -25.63 -7.15 2.71
C LEU A 304 -25.17 -6.05 1.77
N ASP A 305 -26.12 -5.40 1.11
CA ASP A 305 -25.89 -4.30 0.17
C ASP A 305 -25.36 -4.68 -1.20
N VAL A 306 -25.18 -5.98 -1.45
CA VAL A 306 -24.71 -6.47 -2.74
C VAL A 306 -25.90 -6.81 -3.63
N PRO A 307 -25.97 -6.23 -4.84
CA PRO A 307 -27.08 -6.48 -5.78
C PRO A 307 -27.04 -7.91 -6.31
N ALA A 308 -28.21 -8.56 -6.36
CA ALA A 308 -28.34 -9.95 -6.80
C ALA A 308 -27.86 -10.31 -8.20
N ASP A 309 -27.52 -9.32 -9.01
CA ASP A 309 -27.06 -9.56 -10.38
C ASP A 309 -25.63 -9.06 -10.57
N SER A 310 -24.94 -8.84 -9.45
CA SER A 310 -23.59 -8.33 -9.46
C SER A 310 -22.58 -9.22 -10.18
N LYS A 311 -21.80 -8.58 -11.05
CA LYS A 311 -20.76 -9.25 -11.80
C LYS A 311 -19.43 -8.66 -11.32
N ASN A 312 -19.39 -8.23 -10.05
CA ASN A 312 -18.19 -7.63 -9.45
C ASN A 312 -17.14 -8.68 -9.09
N ASN A 313 -15.87 -8.29 -9.17
CA ASN A 313 -14.75 -9.17 -8.86
C ASN A 313 -14.23 -9.07 -7.43
N THR A 314 -14.35 -10.16 -6.68
CA THR A 314 -13.87 -10.21 -5.30
C THR A 314 -12.49 -10.89 -5.31
N PHE A 315 -12.00 -11.19 -6.52
CA PHE A 315 -10.71 -11.83 -6.70
C PHE A 315 -10.17 -11.50 -8.08
N ILE A 316 -8.86 -11.23 -8.14
CA ILE A 316 -8.16 -10.91 -9.39
C ILE A 316 -6.79 -11.60 -9.39
N ALA A 317 -6.38 -12.10 -10.55
CA ALA A 317 -5.08 -12.74 -10.73
C ALA A 317 -4.69 -12.49 -12.18
N GLY A 318 -3.40 -12.28 -12.43
CA GLY A 318 -2.96 -12.04 -13.79
C GLY A 318 -1.46 -11.93 -13.95
N GLU A 319 -1.02 -11.90 -15.21
CA GLU A 319 0.40 -11.81 -15.55
C GLU A 319 0.79 -10.42 -16.08
N LEU A 320 1.88 -9.87 -15.55
CA LEU A 320 2.39 -8.56 -15.96
C LEU A 320 3.66 -8.74 -16.78
N GLN A 321 3.82 -7.92 -17.81
CA GLN A 321 5.00 -7.97 -18.68
C GLN A 321 5.71 -6.62 -18.73
N PHE A 322 7.02 -6.65 -18.52
CA PHE A 322 7.87 -5.45 -18.57
C PHE A 322 8.81 -5.51 -19.77
N ASP A 323 8.63 -4.61 -20.73
CA ASP A 323 9.47 -4.59 -21.92
C ASP A 323 10.83 -3.92 -21.62
N LEU A 324 11.59 -4.52 -20.72
CA LEU A 324 12.90 -4.01 -20.33
C LEU A 324 13.92 -5.13 -20.51
N PRO A 325 15.14 -4.80 -20.97
CA PRO A 325 16.20 -5.78 -21.17
C PRO A 325 16.33 -6.71 -19.96
N ARG A 326 16.27 -6.12 -18.78
CA ARG A 326 16.37 -6.82 -17.50
C ARG A 326 15.29 -7.89 -17.26
N TRP A 327 14.04 -7.60 -17.64
CA TRP A 327 12.93 -8.53 -17.39
C TRP A 327 12.35 -9.12 -18.65
N GLU A 328 13.09 -9.05 -19.75
CA GLU A 328 12.63 -9.59 -21.03
C GLU A 328 12.08 -11.01 -20.87
N GLY A 329 10.78 -11.16 -21.09
CA GLY A 329 10.15 -12.46 -20.99
C GLY A 329 9.84 -13.05 -19.62
N VAL A 330 10.23 -12.36 -18.55
CA VAL A 330 9.97 -12.84 -17.20
C VAL A 330 8.57 -12.44 -16.74
N PRO A 331 7.72 -13.42 -16.41
CA PRO A 331 6.35 -13.15 -15.96
C PRO A 331 6.25 -12.69 -14.51
N PHE A 332 5.49 -11.63 -14.27
CA PHE A 332 5.26 -11.12 -12.91
C PHE A 332 3.80 -11.42 -12.64
N TYR A 333 3.56 -12.39 -11.76
CA TYR A 333 2.20 -12.79 -11.41
C TYR A 333 1.77 -12.09 -10.15
N VAL A 334 0.51 -11.65 -10.12
CA VAL A 334 -0.05 -10.97 -8.96
C VAL A 334 -1.43 -11.56 -8.70
N ARG A 335 -1.86 -11.54 -7.43
CA ARG A 335 -3.17 -12.05 -7.07
C ARG A 335 -3.65 -11.43 -5.77
N SER A 336 -4.96 -11.17 -5.68
CA SER A 336 -5.55 -10.59 -4.49
C SER A 336 -7.05 -10.89 -4.50
N GLY A 337 -7.55 -11.41 -3.39
CA GLY A 337 -8.97 -11.73 -3.32
C GLY A 337 -9.46 -11.93 -1.91
N LYS A 338 -10.78 -11.93 -1.74
CA LYS A 338 -11.38 -12.13 -0.43
C LYS A 338 -11.88 -13.57 -0.30
N ARG A 339 -12.12 -14.02 0.92
CA ARG A 339 -12.58 -15.39 1.17
C ARG A 339 -11.61 -16.44 0.64
N LEU A 340 -10.31 -16.20 0.87
CA LEU A 340 -9.28 -17.14 0.45
C LEU A 340 -8.81 -18.00 1.64
N ALA A 341 -7.89 -18.92 1.36
CA ALA A 341 -7.38 -19.84 2.37
C ALA A 341 -6.69 -19.25 3.60
N ALA A 342 -6.05 -18.11 3.45
CA ALA A 342 -5.35 -17.50 4.58
C ALA A 342 -4.92 -16.06 4.32
N LYS A 343 -4.79 -15.30 5.41
CA LYS A 343 -4.35 -13.92 5.33
C LYS A 343 -2.85 -13.97 5.09
N GLN A 344 -2.40 -13.40 3.99
CA GLN A 344 -0.98 -13.43 3.67
C GLN A 344 -0.63 -12.41 2.62
N THR A 345 0.48 -11.71 2.82
CA THR A 345 0.97 -10.73 1.86
C THR A 345 2.44 -11.13 1.68
N ARG A 346 2.76 -11.70 0.52
CA ARG A 346 4.12 -12.17 0.26
C ARG A 346 4.59 -12.02 -1.17
N VAL A 347 5.91 -12.12 -1.33
CA VAL A 347 6.58 -12.02 -2.62
C VAL A 347 7.38 -13.32 -2.79
N ASP A 348 7.30 -13.92 -3.98
CA ASP A 348 8.02 -15.15 -4.28
C ASP A 348 8.83 -15.05 -5.56
N ILE A 349 10.16 -14.99 -5.43
CA ILE A 349 11.05 -14.94 -6.59
C ILE A 349 11.46 -16.38 -6.90
N VAL A 350 10.98 -16.87 -8.04
CA VAL A 350 11.26 -18.23 -8.48
C VAL A 350 12.41 -18.24 -9.47
N PHE A 351 13.55 -18.76 -9.05
CA PHE A 351 14.74 -18.82 -9.89
C PHE A 351 14.65 -19.99 -10.85
N LYS A 352 15.37 -19.88 -11.96
CA LYS A 352 15.40 -20.95 -12.97
C LYS A 352 16.14 -22.17 -12.45
N ALA A 353 15.73 -23.34 -12.91
CA ALA A 353 16.36 -24.59 -12.51
C ALA A 353 17.72 -24.72 -13.18
N GLY A 354 18.67 -25.32 -12.49
CA GLY A 354 19.99 -25.51 -13.07
C GLY A 354 20.00 -26.62 -14.11
N THR A 355 20.95 -26.57 -15.02
CA THR A 355 21.04 -27.58 -16.07
C THR A 355 22.19 -28.56 -15.86
N PHE A 356 22.80 -28.55 -14.67
CA PHE A 356 23.90 -29.47 -14.39
C PHE A 356 23.35 -30.87 -14.21
N ASN A 357 23.68 -31.75 -15.14
CA ASN A 357 23.23 -33.12 -15.08
C ASN A 357 24.02 -33.90 -14.04
N PHE A 358 23.33 -34.33 -12.99
CA PHE A 358 23.94 -35.09 -11.90
C PHE A 358 23.87 -36.59 -12.17
N GLY A 359 23.18 -36.97 -13.26
CA GLY A 359 23.02 -38.37 -13.61
C GLY A 359 21.89 -38.99 -12.80
N SER A 360 21.34 -38.21 -11.87
CA SER A 360 20.28 -38.64 -10.99
C SER A 360 18.89 -38.71 -11.63
N GLU A 361 17.97 -39.34 -10.90
CA GLU A 361 16.58 -39.47 -11.33
C GLU A 361 15.92 -38.12 -11.20
N GLN A 362 16.08 -37.51 -10.03
CA GLN A 362 15.52 -36.19 -9.75
C GLN A 362 16.60 -35.13 -9.95
N GLU A 363 16.48 -34.39 -11.04
CA GLU A 363 17.44 -33.34 -11.34
C GLU A 363 17.07 -32.07 -10.58
N ALA A 364 17.99 -31.11 -10.60
CA ALA A 364 17.82 -29.83 -9.92
C ALA A 364 16.53 -29.12 -10.31
N CYS A 365 15.80 -28.66 -9.30
CA CYS A 365 14.55 -27.92 -9.48
C CYS A 365 14.82 -26.43 -9.25
N GLU A 366 13.78 -25.62 -9.39
CA GLU A 366 13.90 -24.18 -9.21
C GLU A 366 13.94 -23.68 -7.76
N ALA A 367 14.90 -22.81 -7.47
CA ALA A 367 15.07 -22.25 -6.14
C ALA A 367 14.05 -21.13 -5.94
N VAL A 368 13.63 -20.88 -4.71
CA VAL A 368 12.65 -19.85 -4.43
C VAL A 368 13.00 -18.96 -3.23
N LEU A 369 12.90 -17.65 -3.44
CA LEU A 369 13.16 -16.68 -2.38
C LEU A 369 11.79 -16.08 -2.04
N SER A 370 11.35 -16.29 -0.81
CA SER A 370 10.05 -15.81 -0.37
C SER A 370 10.20 -14.77 0.74
N ILE A 371 9.46 -13.68 0.62
CA ILE A 371 9.47 -12.61 1.61
C ILE A 371 8.03 -12.45 2.12
N ILE A 372 7.76 -12.98 3.31
CA ILE A 372 6.44 -12.89 3.90
C ILE A 372 6.32 -11.57 4.66
N ILE A 373 5.33 -10.78 4.26
CA ILE A 373 5.07 -9.47 4.86
C ILE A 373 3.97 -9.56 5.92
N ASP A 374 2.86 -10.22 5.60
CA ASP A 374 1.74 -10.37 6.54
C ASP A 374 1.37 -11.84 6.61
N PRO A 375 0.87 -12.33 7.78
CA PRO A 375 0.65 -11.57 9.01
C PRO A 375 1.92 -11.27 9.80
N LYS A 376 2.90 -12.16 9.74
CA LYS A 376 4.16 -11.97 10.45
C LYS A 376 5.33 -12.07 9.47
N GLY A 377 6.25 -11.11 9.56
CA GLY A 377 7.39 -11.08 8.68
C GLY A 377 8.29 -12.30 8.79
N ALA A 378 8.68 -12.84 7.65
CA ALA A 378 9.55 -14.01 7.59
C ALA A 378 10.22 -14.09 6.24
N ILE A 379 11.41 -14.69 6.20
CA ILE A 379 12.16 -14.84 4.96
C ILE A 379 12.56 -16.30 4.81
N GLU A 380 12.20 -16.89 3.68
CA GLU A 380 12.50 -18.29 3.40
C GLU A 380 13.25 -18.42 2.08
N LEU A 381 14.12 -19.43 1.98
CA LEU A 381 14.88 -19.66 0.76
C LEU A 381 14.99 -21.15 0.49
N LYS A 382 14.32 -21.58 -0.57
CA LYS A 382 14.32 -22.99 -0.98
C LYS A 382 15.52 -23.23 -1.89
N LEU A 383 16.40 -24.14 -1.46
CA LEU A 383 17.59 -24.47 -2.23
C LEU A 383 17.68 -25.95 -2.54
N ASN A 384 18.47 -26.28 -3.56
CA ASN A 384 18.68 -27.68 -3.95
C ASN A 384 19.81 -28.25 -3.11
N ALA A 385 19.62 -29.49 -2.65
CA ALA A 385 20.60 -30.18 -1.83
C ALA A 385 20.58 -31.66 -2.22
N LYS A 386 21.25 -32.50 -1.45
CA LYS A 386 21.29 -33.93 -1.74
C LYS A 386 20.25 -34.65 -0.88
N SER A 387 19.59 -35.63 -1.47
CA SER A 387 18.58 -36.41 -0.76
C SER A 387 19.30 -37.41 0.14
N VAL A 388 18.64 -37.84 1.20
CA VAL A 388 19.22 -38.82 2.11
C VAL A 388 18.87 -40.20 1.54
N GLU A 389 19.48 -40.51 0.40
CA GLU A 389 19.29 -41.77 -0.28
C GLU A 389 20.67 -42.32 -0.57
N ASP A 390 20.72 -43.55 -1.08
CA ASP A 390 21.99 -44.18 -1.40
C ASP A 390 22.52 -43.70 -2.75
N ALA A 391 21.70 -43.78 -3.78
CA ALA A 391 22.11 -43.31 -5.10
C ALA A 391 22.03 -41.79 -5.08
N PHE A 392 23.03 -41.12 -5.65
CA PHE A 392 23.06 -39.67 -5.66
C PHE A 392 21.79 -39.09 -6.31
N ASN A 393 21.10 -38.22 -5.57
CA ASN A 393 19.87 -37.60 -6.03
C ASN A 393 19.69 -36.28 -5.32
N THR A 394 19.02 -35.31 -5.95
CA THR A 394 18.81 -34.00 -5.34
C THR A 394 17.39 -33.84 -4.80
N ARG A 395 17.20 -32.82 -3.96
CA ARG A 395 15.91 -32.52 -3.36
C ARG A 395 15.93 -31.05 -2.96
N THR A 396 14.79 -30.50 -2.57
CA THR A 396 14.70 -29.09 -2.15
C THR A 396 14.53 -28.96 -0.64
N ILE A 397 15.32 -28.09 -0.04
CA ILE A 397 15.25 -27.84 1.39
C ILE A 397 14.88 -26.38 1.60
N ASP A 398 14.23 -26.08 2.73
CA ASP A 398 13.81 -24.71 3.02
C ASP A 398 14.59 -24.10 4.17
N LEU A 399 15.31 -23.02 3.91
CA LEU A 399 16.05 -22.32 4.95
C LEU A 399 15.12 -21.19 5.38
N GLY A 400 14.92 -21.00 6.68
CA GLY A 400 14.01 -19.96 7.11
C GLY A 400 14.44 -19.03 8.21
N TRP A 401 13.75 -17.90 8.30
CA TRP A 401 13.98 -16.87 9.31
C TRP A 401 12.63 -16.20 9.59
N THR A 402 12.42 -15.82 10.85
CA THR A 402 11.17 -15.19 11.27
C THR A 402 11.49 -14.04 12.24
N VAL A 403 10.71 -12.95 12.17
CA VAL A 403 10.94 -11.81 13.06
C VAL A 403 10.75 -12.23 14.52
N SER A 404 11.66 -11.79 15.38
CA SER A 404 11.58 -12.10 16.81
C SER A 404 10.55 -11.22 17.51
N ASP A 405 10.21 -11.58 18.74
CA ASP A 405 9.24 -10.80 19.51
C ASP A 405 9.85 -9.43 19.78
N GLU A 406 11.16 -9.41 19.91
CA GLU A 406 11.93 -8.18 20.14
C GLU A 406 11.74 -7.26 18.93
N ASP A 407 11.77 -7.87 17.75
CA ASP A 407 11.57 -7.16 16.49
C ASP A 407 10.10 -6.71 16.30
N LYS A 408 9.17 -7.60 16.61
CA LYS A 408 7.73 -7.37 16.41
C LYS A 408 7.01 -6.14 16.92
N LYS A 409 6.97 -5.97 18.24
CA LYS A 409 6.27 -4.83 18.81
C LYS A 409 7.18 -3.61 18.87
N ASN A 410 8.38 -3.74 18.30
CA ASN A 410 9.36 -2.67 18.26
C ASN A 410 9.28 -2.06 16.85
N THR A 411 8.58 -2.76 15.96
CA THR A 411 8.41 -2.32 14.56
C THR A 411 7.31 -1.28 14.41
N PRO A 412 7.58 -0.19 13.68
CA PRO A 412 6.60 0.86 13.46
C PRO A 412 5.44 0.48 12.51
N GLU A 413 4.22 0.71 12.98
CA GLU A 413 3.02 0.44 12.18
C GLU A 413 3.07 1.39 10.97
N PRO A 414 2.46 0.98 9.83
CA PRO A 414 2.47 1.83 8.63
C PRO A 414 2.16 3.31 8.78
N TYR A 415 1.06 3.65 9.46
CA TYR A 415 0.71 5.06 9.60
C TYR A 415 1.76 5.92 10.32
N GLU A 416 2.50 5.32 11.24
CA GLU A 416 3.55 6.04 11.95
C GLU A 416 4.70 6.31 10.99
N ARG A 417 5.02 5.31 10.17
CA ARG A 417 6.09 5.43 9.20
C ARG A 417 5.77 6.54 8.20
N MET A 418 4.57 6.51 7.64
CA MET A 418 4.16 7.52 6.67
C MET A 418 4.17 8.95 7.23
N ILE A 419 3.56 9.16 8.39
CA ILE A 419 3.54 10.49 8.99
C ILE A 419 4.98 10.92 9.27
N HIS A 420 5.73 10.05 9.92
CA HIS A 420 7.12 10.35 10.27
C HIS A 420 7.95 10.72 9.03
N ASP A 421 7.82 9.91 7.98
CA ASP A 421 8.56 10.13 6.74
C ASP A 421 8.18 11.46 6.08
N THR A 422 6.90 11.83 6.15
CA THR A 422 6.44 13.09 5.58
C THR A 422 7.05 14.26 6.35
N MET A 423 7.16 14.11 7.67
CA MET A 423 7.76 15.14 8.51
C MET A 423 9.24 15.31 8.16
N ASN A 424 9.86 14.22 7.70
CA ASN A 424 11.28 14.22 7.33
C ASN A 424 11.53 14.55 5.85
N GLY A 425 10.46 14.63 5.07
CA GLY A 425 10.60 14.94 3.66
C GLY A 425 11.12 13.78 2.83
N ASP A 426 10.95 12.57 3.34
CA ASP A 426 11.41 11.36 2.66
C ASP A 426 10.26 10.71 1.88
N GLY A 427 10.28 10.87 0.56
CA GLY A 427 9.24 10.29 -0.26
C GLY A 427 9.55 8.90 -0.79
N SER A 428 10.61 8.28 -0.26
CA SER A 428 11.06 6.95 -0.69
C SER A 428 9.96 5.88 -0.63
N ASN A 429 9.15 5.91 0.43
CA ASN A 429 8.08 4.94 0.62
C ASN A 429 6.74 5.51 0.23
N PHE A 430 6.70 6.25 -0.88
CA PHE A 430 5.48 6.86 -1.38
C PHE A 430 5.47 6.75 -2.89
N ALA A 431 4.27 6.63 -3.46
CA ALA A 431 4.13 6.52 -4.91
C ALA A 431 4.09 7.91 -5.51
N ASP A 432 4.69 8.07 -6.69
CA ASP A 432 4.71 9.36 -7.36
C ASP A 432 3.68 9.36 -8.50
N TRP A 433 3.47 10.52 -9.12
CA TRP A 433 2.50 10.64 -10.20
C TRP A 433 2.72 9.64 -11.34
N ASN A 434 3.96 9.55 -11.83
CA ASN A 434 4.30 8.64 -12.93
C ASN A 434 3.89 7.19 -12.62
N GLY A 435 4.12 6.76 -11.38
CA GLY A 435 3.74 5.42 -11.00
C GLY A 435 2.24 5.25 -10.94
N VAL A 436 1.55 6.25 -10.37
CA VAL A 436 0.10 6.20 -10.25
C VAL A 436 -0.61 6.30 -11.60
N SER A 437 -0.09 7.11 -12.53
CA SER A 437 -0.71 7.23 -13.84
C SER A 437 -0.64 5.91 -14.60
N ILE A 438 0.53 5.28 -14.58
CA ILE A 438 0.74 4.00 -15.25
C ILE A 438 -0.16 2.91 -14.67
N ALA A 439 -0.21 2.80 -13.34
CA ALA A 439 -1.04 1.80 -12.71
C ALA A 439 -2.50 1.98 -13.16
N TRP A 440 -2.93 3.23 -13.28
CA TRP A 440 -4.28 3.53 -13.73
C TRP A 440 -4.52 3.15 -15.18
N LYS A 441 -3.54 3.41 -16.04
CA LYS A 441 -3.66 3.06 -17.45
C LYS A 441 -3.73 1.54 -17.57
N PHE A 442 -2.94 0.85 -16.75
CA PHE A 442 -2.91 -0.60 -16.75
C PHE A 442 -4.26 -1.18 -16.35
N VAL A 443 -4.80 -0.69 -15.23
CA VAL A 443 -6.08 -1.16 -14.72
C VAL A 443 -7.29 -0.74 -15.58
N ASP A 444 -7.24 0.45 -16.17
CA ASP A 444 -8.34 0.92 -17.01
C ASP A 444 -8.59 -0.01 -18.20
N ALA A 445 -7.53 -0.41 -18.89
CA ALA A 445 -7.65 -1.30 -20.04
C ALA A 445 -8.39 -2.58 -19.64
N ILE A 446 -8.10 -3.07 -18.44
CA ILE A 446 -8.74 -4.28 -17.91
C ILE A 446 -10.20 -4.02 -17.55
N SER A 447 -10.44 -2.94 -16.80
CA SER A 447 -11.79 -2.57 -16.37
C SER A 447 -12.75 -2.36 -17.54
N ALA A 448 -12.26 -1.76 -18.61
CA ALA A 448 -13.09 -1.51 -19.78
C ALA A 448 -13.69 -2.84 -20.26
N VAL A 449 -12.86 -3.87 -20.31
CA VAL A 449 -13.29 -5.21 -20.73
C VAL A 449 -14.36 -5.74 -19.79
N TYR A 450 -14.06 -5.73 -18.49
CA TYR A 450 -15.01 -6.21 -17.47
C TYR A 450 -16.34 -5.47 -17.52
N THR A 451 -16.27 -4.13 -17.58
CA THR A 451 -17.45 -3.28 -17.66
C THR A 451 -18.32 -3.68 -18.85
N ALA A 452 -17.68 -4.01 -19.97
CA ALA A 452 -18.37 -4.42 -21.19
C ALA A 452 -18.69 -5.91 -21.13
N ASP A 453 -18.16 -6.60 -20.12
CA ASP A 453 -18.37 -8.03 -19.93
C ASP A 453 -17.90 -8.89 -21.11
N LYS A 454 -16.75 -8.54 -21.65
CA LYS A 454 -16.16 -9.28 -22.77
C LYS A 454 -15.07 -10.20 -22.24
N ALA A 455 -15.29 -10.71 -21.04
CA ALA A 455 -14.38 -11.61 -20.37
C ALA A 455 -15.23 -12.38 -19.38
N PRO A 456 -14.87 -13.64 -19.10
CA PRO A 456 -15.65 -14.42 -18.15
C PRO A 456 -15.41 -14.06 -16.70
N LEU A 457 -16.39 -14.39 -15.87
CA LEU A 457 -16.31 -14.16 -14.43
C LEU A 457 -16.27 -15.58 -13.86
N GLU A 458 -15.16 -15.96 -13.28
CA GLU A 458 -15.04 -17.30 -12.72
C GLU A 458 -15.67 -17.33 -11.33
N THR A 459 -15.56 -18.48 -10.67
CA THR A 459 -16.12 -18.66 -9.34
C THR A 459 -15.12 -19.52 -8.56
N TYR A 460 -15.21 -19.45 -7.23
CA TYR A 460 -14.34 -20.25 -6.37
C TYR A 460 -15.01 -20.42 -5.02
N LYS A 461 -14.72 -21.55 -4.37
CA LYS A 461 -15.30 -21.85 -3.06
C LYS A 461 -14.60 -21.05 -1.97
N SER A 462 -15.39 -20.46 -1.08
CA SER A 462 -14.83 -19.66 0.02
C SER A 462 -13.91 -20.53 0.87
N GLY A 463 -12.61 -20.25 0.79
CA GLY A 463 -11.66 -21.02 1.55
C GLY A 463 -10.52 -21.52 0.68
N SER A 464 -10.71 -21.55 -0.63
CA SER A 464 -9.66 -21.99 -1.54
C SER A 464 -8.73 -20.81 -1.80
N MET A 465 -7.78 -20.97 -2.71
CA MET A 465 -6.85 -19.89 -3.02
C MET A 465 -7.24 -19.23 -4.34
N GLY A 466 -8.48 -19.47 -4.76
CA GLY A 466 -8.96 -18.88 -6.01
C GLY A 466 -9.50 -19.91 -6.96
N PRO A 467 -10.00 -19.48 -8.12
CA PRO A 467 -10.57 -20.37 -9.14
C PRO A 467 -9.45 -21.18 -9.79
N GLU A 468 -9.82 -22.28 -10.43
CA GLU A 468 -8.82 -23.11 -11.09
C GLU A 468 -8.12 -22.41 -12.25
N ALA A 469 -8.77 -21.41 -12.83
CA ALA A 469 -8.18 -20.65 -13.94
C ALA A 469 -6.88 -19.99 -13.48
N SER A 470 -6.81 -19.65 -12.19
CA SER A 470 -5.64 -19.01 -11.62
C SER A 470 -4.43 -19.93 -11.77
N ASP A 471 -4.66 -21.23 -11.60
CA ASP A 471 -3.59 -22.22 -11.74
C ASP A 471 -3.24 -22.39 -13.23
N LYS A 472 -4.25 -22.56 -14.06
CA LYS A 472 -4.05 -22.74 -15.49
C LYS A 472 -3.25 -21.58 -16.06
N LEU A 473 -3.47 -20.38 -15.55
CA LEU A 473 -2.77 -19.19 -16.00
C LEU A 473 -1.25 -19.36 -15.94
N LEU A 474 -0.76 -19.89 -14.82
CA LEU A 474 0.66 -20.11 -14.62
C LEU A 474 1.17 -21.36 -15.36
N ALA A 475 0.37 -22.42 -15.33
CA ALA A 475 0.71 -23.68 -15.99
C ALA A 475 1.11 -23.48 -17.45
N ALA A 476 0.47 -22.50 -18.10
CA ALA A 476 0.75 -22.20 -19.50
C ALA A 476 2.22 -21.84 -19.74
N ASN A 477 2.83 -21.14 -18.78
CA ASN A 477 4.24 -20.76 -18.90
C ASN A 477 5.09 -21.76 -18.11
N GLY A 478 4.45 -22.81 -17.60
CA GLY A 478 5.15 -23.83 -16.83
C GLY A 478 5.49 -23.38 -15.42
N ASP A 479 4.57 -22.67 -14.78
CA ASP A 479 4.77 -22.17 -13.42
C ASP A 479 3.63 -22.56 -12.50
N ALA A 480 3.82 -22.30 -11.22
CA ALA A 480 2.82 -22.62 -10.21
C ALA A 480 2.97 -21.70 -9.03
N TRP A 481 1.85 -21.36 -8.40
CA TRP A 481 1.85 -20.50 -7.22
C TRP A 481 2.61 -21.22 -6.10
N VAL A 482 3.59 -20.54 -5.51
CA VAL A 482 4.37 -21.12 -4.42
C VAL A 482 3.51 -21.35 -3.17
N PHE A 483 2.86 -20.28 -2.71
CA PHE A 483 2.00 -20.35 -1.53
C PHE A 483 0.74 -21.14 -1.91
N LYS A 484 0.51 -22.27 -1.25
CA LYS A 484 -0.66 -23.10 -1.54
C LYS A 484 -1.79 -22.93 -0.52
N GLY A 485 -1.47 -22.32 0.62
CA GLY A 485 -2.48 -22.12 1.65
C GLY A 485 -1.86 -22.34 3.02
C1 BG6 B . -7.17 -1.80 2.41
C2 BG6 B . -8.52 -2.18 1.77
O1 BG6 B . -6.45 -1.02 1.53
O5 BG6 B . -6.39 -2.98 2.68
C3 BG6 B . -9.28 -3.18 2.66
O2 BG6 B . -9.31 -1.02 1.56
C4 BG6 B . -8.37 -4.39 2.92
O3 BG6 B . -10.47 -3.59 2.00
C5 BG6 B . -7.06 -3.92 3.55
O4 BG6 B . -9.02 -5.30 3.80
C6 BG6 B . -6.09 -5.06 3.81
O6 BG6 B . -4.82 -4.54 4.24
P BG6 B . -4.14 -4.95 5.65
O1P BG6 B . -5.29 -5.21 6.55
O2P BG6 B . -3.34 -3.74 5.88
O3P BG6 B . -3.33 -6.14 5.31
CA CA C . 3.09 -16.86 -22.16
#